data_1X07
#
_entry.id   1X07
#
_cell.length_a   57.792
_cell.length_b   57.792
_cell.length_c   119.131
_cell.angle_alpha   90.00
_cell.angle_beta   90.00
_cell.angle_gamma   120.00
#
_symmetry.space_group_name_H-M   'P 32 2 1'
#
loop_
_entity.id
_entity.type
_entity.pdbx_description
1 polymer 'Undecaprenyl pyrophosphate synthetase'
2 non-polymer 'PHOSPHATE ION'
3 non-polymer 'MAGNESIUM ION'
4 non-polymer '3-METHYLBUT-3-ENYL TRIHYDROGEN DIPHOSPHATE'
5 water water
#
_entity_poly.entity_id   1
_entity_poly.type   'polypeptide(L)'
_entity_poly.pdbx_seq_one_letter_code
;MMLSATQPLSEKLPAHGCRHVAIIMDGNGRWAKKQGKIRAFGHKAGAKSVRRAVSFAANNGIEALTLYAFSSENWNRPAQ
EVSALMELFVWALDSEVKSLHRHNVRLRIIGDTSRFNSRLQERIRKSEALTAGNTGLTLNIAANYGGRWDIVQGVRQLAE
KVQQGNLQPDQIDEEMLNQHVCMHELAPVDLVIRTGGEHRISNFLLWQIAYAELYFTDVLWPDFDEQDFEGALNAFANRE
RRFGGTEPGDETA
;
_entity_poly.pdbx_strand_id   A
#
loop_
_chem_comp.id
_chem_comp.type
_chem_comp.name
_chem_comp.formula
IPE non-polymer '3-METHYLBUT-3-ENYL TRIHYDROGEN DIPHOSPHATE' 'C5 H12 O7 P2'
MG non-polymer 'MAGNESIUM ION' 'Mg 2'
PO4 non-polymer 'PHOSPHATE ION' 'O4 P -3'
#
# COMPACT_ATOMS: atom_id res chain seq x y z
N SER A 10 2.12 -19.92 -21.10
CA SER A 10 2.45 -18.46 -21.09
C SER A 10 1.79 -17.72 -19.91
N GLU A 11 2.52 -16.79 -19.33
CA GLU A 11 2.06 -15.99 -18.19
C GLU A 11 1.55 -14.65 -18.65
N LYS A 12 0.62 -14.06 -17.92
CA LYS A 12 0.10 -12.76 -18.28
C LYS A 12 1.19 -11.72 -17.99
N LEU A 13 1.81 -11.21 -19.06
CA LEU A 13 2.85 -10.21 -18.92
C LEU A 13 2.20 -8.92 -18.51
N PRO A 14 2.52 -8.45 -17.29
CA PRO A 14 2.00 -7.23 -16.67
C PRO A 14 1.12 -6.45 -17.62
N ALA A 15 -0.17 -6.45 -17.31
CA ALA A 15 -1.17 -5.74 -18.11
C ALA A 15 -0.65 -4.36 -18.51
N HIS A 16 -0.18 -4.29 -19.75
CA HIS A 16 0.32 -3.07 -20.31
C HIS A 16 1.73 -2.67 -19.89
N GLY A 17 2.54 -3.62 -19.43
CA GLY A 17 3.92 -3.28 -19.05
C GLY A 17 4.11 -2.71 -17.65
N CYS A 18 3.02 -2.76 -16.88
CA CYS A 18 2.98 -2.20 -15.53
C CYS A 18 3.34 -3.22 -14.45
N ARG A 19 4.56 -3.16 -13.91
CA ARG A 19 4.97 -4.10 -12.86
C ARG A 19 4.49 -3.82 -11.43
N HIS A 20 4.49 -2.56 -11.00
CA HIS A 20 4.17 -2.21 -9.64
C HIS A 20 3.22 -1.02 -9.59
N VAL A 21 2.02 -1.23 -9.04
CA VAL A 21 0.94 -0.24 -8.87
C VAL A 21 0.76 0.11 -7.40
N ALA A 22 0.63 1.40 -7.08
CA ALA A 22 0.39 1.80 -5.69
C ALA A 22 -0.93 2.52 -5.76
N ILE A 23 -1.78 2.37 -4.76
CA ILE A 23 -3.09 3.02 -4.82
C ILE A 23 -3.40 3.74 -3.53
N ILE A 24 -3.82 5.00 -3.68
CA ILE A 24 -4.28 5.80 -2.55
C ILE A 24 -5.80 5.58 -2.54
N MET A 25 -6.27 4.74 -1.62
CA MET A 25 -7.69 4.38 -1.47
C MET A 25 -8.55 5.41 -0.71
N ASP A 26 -8.78 6.53 -1.32
CA ASP A 26 -9.52 7.58 -0.71
C ASP A 26 -10.95 7.70 -1.24
N GLY A 27 -11.81 8.23 -0.36
CA GLY A 27 -13.22 8.48 -0.66
C GLY A 27 -14.22 7.63 0.07
N ASN A 28 -13.78 6.83 1.03
CA ASN A 28 -14.67 5.94 1.77
C ASN A 28 -15.76 6.70 2.51
N GLY A 29 -15.34 7.74 3.23
CA GLY A 29 -16.21 8.57 4.06
C GLY A 29 -17.30 9.23 3.25
N ARG A 30 -16.90 9.93 2.19
CA ARG A 30 -17.83 10.57 1.27
C ARG A 30 -18.81 9.57 0.66
N TRP A 31 -18.30 8.39 0.31
CA TRP A 31 -19.13 7.35 -0.33
C TRP A 31 -20.27 6.91 0.62
N ALA A 32 -19.98 6.78 1.90
CA ALA A 32 -20.97 6.39 2.88
C ALA A 32 -21.96 7.53 3.14
N LYS A 33 -21.43 8.73 3.29
CA LYS A 33 -22.24 9.91 3.55
C LYS A 33 -23.19 10.17 2.41
N LYS A 34 -22.74 10.00 1.16
CA LYS A 34 -23.60 10.18 -0.02
C LYS A 34 -24.86 9.33 0.16
N GLN A 35 -24.75 8.29 0.99
CA GLN A 35 -25.86 7.38 1.22
C GLN A 35 -26.49 7.49 2.61
N GLY A 36 -26.16 8.52 3.36
CA GLY A 36 -26.75 8.66 4.67
C GLY A 36 -26.16 7.74 5.71
N LYS A 37 -25.06 7.07 5.38
CA LYS A 37 -24.44 6.13 6.28
C LYS A 37 -23.22 6.66 7.03
N ILE A 38 -22.89 5.99 8.13
CA ILE A 38 -21.73 6.41 8.93
C ILE A 38 -20.47 6.08 8.18
N ARG A 39 -19.43 6.82 8.49
CA ARG A 39 -18.14 6.66 7.85
C ARG A 39 -17.57 5.23 7.84
N ALA A 40 -17.80 4.49 8.92
CA ALA A 40 -17.26 3.15 9.03
C ALA A 40 -17.93 2.20 8.06
N PHE A 41 -19.15 2.52 7.64
CA PHE A 41 -19.88 1.69 6.67
C PHE A 41 -19.07 1.76 5.35
N GLY A 42 -18.48 2.91 5.06
CA GLY A 42 -17.72 3.02 3.80
C GLY A 42 -16.37 2.32 3.88
N HIS A 43 -15.78 2.34 5.06
CA HIS A 43 -14.49 1.63 5.20
C HIS A 43 -14.70 0.12 5.01
N LYS A 44 -15.86 -0.37 5.46
CA LYS A 44 -16.24 -1.78 5.32
C LYS A 44 -16.44 -2.02 3.81
N ALA A 45 -17.09 -1.09 3.14
CA ALA A 45 -17.25 -1.27 1.71
C ALA A 45 -15.84 -1.18 1.01
N GLY A 46 -14.94 -0.33 1.52
CA GLY A 46 -13.57 -0.25 1.02
C GLY A 46 -12.83 -1.59 0.99
N ALA A 47 -13.01 -2.38 2.04
CA ALA A 47 -12.38 -3.71 2.13
C ALA A 47 -12.85 -4.63 0.99
N LYS A 48 -14.10 -4.49 0.53
CA LYS A 48 -14.47 -5.38 -0.55
C LYS A 48 -13.74 -4.92 -1.77
N SER A 49 -13.49 -3.60 -1.81
CA SER A 49 -12.80 -2.96 -2.91
C SER A 49 -11.31 -3.37 -2.92
N VAL A 50 -10.74 -3.53 -1.73
CA VAL A 50 -9.36 -4.02 -1.60
C VAL A 50 -9.33 -5.47 -2.18
N ARG A 51 -10.30 -6.29 -1.74
CA ARG A 51 -10.38 -7.68 -2.24
C ARG A 51 -10.38 -7.70 -3.78
N ARG A 52 -11.25 -6.88 -4.36
CA ARG A 52 -11.41 -6.77 -5.83
C ARG A 52 -10.11 -6.35 -6.56
N ALA A 53 -9.38 -5.38 -6.00
CA ALA A 53 -8.12 -4.91 -6.58
C ALA A 53 -7.01 -5.95 -6.47
N VAL A 54 -6.90 -6.60 -5.30
CA VAL A 54 -5.89 -7.63 -5.15
C VAL A 54 -6.13 -8.72 -6.19
N SER A 55 -7.39 -9.12 -6.36
CA SER A 55 -7.75 -10.14 -7.35
C SER A 55 -7.36 -9.79 -8.77
N PHE A 56 -7.65 -8.56 -9.15
CA PHE A 56 -7.35 -8.06 -10.49
C PHE A 56 -5.83 -8.02 -10.70
N ALA A 57 -5.11 -7.56 -9.71
CA ALA A 57 -3.67 -7.49 -9.86
C ALA A 57 -3.08 -8.88 -10.04
N ALA A 58 -3.41 -9.83 -9.17
CA ALA A 58 -2.87 -11.19 -9.26
C ALA A 58 -3.21 -11.84 -10.60
N ASN A 59 -4.43 -11.63 -11.10
CA ASN A 59 -4.86 -12.19 -12.38
C ASN A 59 -4.32 -11.52 -13.64
N ASN A 60 -3.64 -10.37 -13.48
CA ASN A 60 -3.11 -9.68 -14.65
C ASN A 60 -1.60 -9.55 -14.66
N GLY A 61 -0.94 -10.43 -13.91
CA GLY A 61 0.51 -10.45 -13.86
C GLY A 61 1.25 -9.30 -13.18
N ILE A 62 0.55 -8.50 -12.41
CA ILE A 62 1.19 -7.39 -11.70
C ILE A 62 2.09 -8.01 -10.64
N GLU A 63 3.34 -7.58 -10.56
CA GLU A 63 4.32 -8.12 -9.60
C GLU A 63 4.09 -7.63 -8.16
N ALA A 64 3.66 -6.37 -8.04
CA ALA A 64 3.45 -5.83 -6.71
C ALA A 64 2.33 -4.82 -6.67
N LEU A 65 1.51 -4.91 -5.63
CA LEU A 65 0.43 -3.95 -5.48
C LEU A 65 0.62 -3.39 -4.05
N THR A 66 0.70 -2.06 -3.95
CA THR A 66 0.90 -1.34 -2.70
C THR A 66 -0.30 -0.44 -2.39
N LEU A 67 -0.94 -0.71 -1.25
CA LEU A 67 -2.18 0.01 -0.92
C LEU A 67 -2.07 0.91 0.29
N TYR A 68 -2.48 2.15 0.13
CA TYR A 68 -2.43 3.11 1.24
C TYR A 68 -3.70 2.97 2.04
N ALA A 69 -3.58 2.28 3.16
CA ALA A 69 -4.68 1.96 4.06
C ALA A 69 -4.81 2.82 5.35
N PHE A 70 -3.70 3.26 5.92
CA PHE A 70 -3.75 4.12 7.13
C PHE A 70 -2.50 4.98 7.15
N SER A 71 -2.68 6.27 7.01
CA SER A 71 -1.57 7.18 6.99
C SER A 71 -1.10 7.47 8.42
N SER A 72 0.13 7.93 8.56
CA SER A 72 0.66 8.29 9.87
C SER A 72 -0.01 9.57 10.33
N GLU A 73 -0.82 10.19 9.48
CA GLU A 73 -1.52 11.41 9.86
C GLU A 73 -2.95 11.03 10.26
N ASN A 74 -3.40 9.82 9.91
CA ASN A 74 -4.77 9.42 10.24
C ASN A 74 -5.05 9.16 11.75
N TRP A 75 -4.05 9.24 12.61
CA TRP A 75 -4.33 9.04 14.06
C TRP A 75 -5.11 10.22 14.69
N ASN A 76 -5.12 11.38 14.03
CA ASN A 76 -5.80 12.55 14.56
C ASN A 76 -7.28 12.49 14.37
N ARG A 77 -7.74 11.46 13.65
CA ARG A 77 -9.14 11.25 13.43
C ARG A 77 -9.75 10.83 14.76
N PRO A 78 -11.08 10.72 14.82
CA PRO A 78 -11.80 10.34 16.03
C PRO A 78 -11.42 9.00 16.58
N ALA A 79 -11.08 8.99 17.87
CA ALA A 79 -10.64 7.76 18.53
C ALA A 79 -11.50 6.54 18.14
N GLN A 80 -12.83 6.72 18.14
CA GLN A 80 -13.73 5.63 17.79
C GLN A 80 -13.59 5.19 16.30
N GLU A 81 -13.29 6.14 15.42
CA GLU A 81 -13.11 5.79 14.02
C GLU A 81 -11.80 5.03 13.89
N VAL A 82 -10.80 5.41 14.67
CA VAL A 82 -9.50 4.75 14.63
C VAL A 82 -9.58 3.31 15.13
N SER A 83 -10.35 3.10 16.19
CA SER A 83 -10.53 1.78 16.76
C SER A 83 -11.18 0.79 15.79
N ALA A 84 -12.23 1.25 15.12
CA ALA A 84 -12.94 0.39 14.16
C ALA A 84 -12.07 0.10 12.96
N LEU A 85 -11.16 1.03 12.64
CA LEU A 85 -10.24 0.79 11.55
C LEU A 85 -9.33 -0.40 11.93
N MET A 86 -8.75 -0.31 13.12
CA MET A 86 -7.87 -1.35 13.60
C MET A 86 -8.59 -2.70 13.64
N GLU A 87 -9.82 -2.70 14.11
CA GLU A 87 -10.55 -3.95 14.18
C GLU A 87 -10.92 -4.46 12.81
N LEU A 88 -11.19 -3.56 11.89
CA LEU A 88 -11.50 -3.99 10.53
C LEU A 88 -10.23 -4.61 9.90
N PHE A 89 -9.06 -4.05 10.22
CA PHE A 89 -7.82 -4.60 9.66
C PHE A 89 -7.61 -6.01 10.24
N VAL A 90 -7.94 -6.19 11.51
CA VAL A 90 -7.80 -7.49 12.11
C VAL A 90 -8.74 -8.47 11.41
N TRP A 91 -9.95 -8.00 11.18
CA TRP A 91 -10.96 -8.80 10.54
C TRP A 91 -10.61 -9.19 9.09
N ALA A 92 -10.00 -8.26 8.34
CA ALA A 92 -9.56 -8.52 6.97
C ALA A 92 -8.41 -9.50 7.00
N LEU A 93 -7.48 -9.36 7.91
CA LEU A 93 -6.41 -10.35 7.97
C LEU A 93 -7.01 -11.76 8.12
N ASP A 94 -7.88 -11.98 9.12
CA ASP A 94 -8.49 -13.31 9.35
C ASP A 94 -9.34 -13.77 8.19
N SER A 95 -10.06 -12.86 7.58
CA SER A 95 -10.92 -13.35 6.55
C SER A 95 -10.19 -13.63 5.23
N GLU A 96 -9.06 -12.95 4.98
CA GLU A 96 -8.39 -13.13 3.68
C GLU A 96 -7.12 -13.93 3.57
N VAL A 97 -6.38 -14.09 4.68
CA VAL A 97 -5.08 -14.68 4.66
C VAL A 97 -4.89 -16.06 4.01
N LYS A 98 -5.80 -16.98 4.31
CA LYS A 98 -5.63 -18.32 3.77
C LYS A 98 -5.81 -18.25 2.29
N SER A 99 -6.73 -17.44 1.83
CA SER A 99 -6.87 -17.29 0.40
C SER A 99 -5.65 -16.62 -0.23
N LEU A 100 -5.03 -15.64 0.44
CA LEU A 100 -3.80 -15.00 -0.13
C LEU A 100 -2.72 -16.09 -0.27
N HIS A 101 -2.60 -16.94 0.75
CA HIS A 101 -1.61 -18.01 0.72
C HIS A 101 -1.98 -18.96 -0.42
N ARG A 102 -3.23 -19.41 -0.51
CA ARG A 102 -3.56 -20.31 -1.59
C ARG A 102 -3.23 -19.68 -2.95
N HIS A 103 -3.35 -18.35 -3.06
CA HIS A 103 -3.05 -17.66 -4.33
C HIS A 103 -1.58 -17.26 -4.57
N ASN A 104 -0.65 -17.76 -3.76
CA ASN A 104 0.77 -17.44 -3.92
C ASN A 104 1.09 -15.98 -3.81
N VAL A 105 0.33 -15.27 -2.98
CA VAL A 105 0.59 -13.85 -2.78
C VAL A 105 1.50 -13.69 -1.53
N ARG A 106 2.54 -12.87 -1.64
CA ARG A 106 3.41 -12.58 -0.47
C ARG A 106 2.82 -11.28 0.22
N LEU A 107 2.51 -11.37 1.52
CA LEU A 107 1.95 -10.26 2.23
C LEU A 107 3.00 -9.54 3.04
N ARG A 108 3.11 -8.23 2.81
CA ARG A 108 4.06 -7.39 3.56
C ARG A 108 3.28 -6.16 4.05
N ILE A 109 3.51 -5.78 5.30
CA ILE A 109 2.88 -4.57 5.81
C ILE A 109 4.03 -3.56 5.93
N ILE A 110 3.88 -2.36 5.36
CA ILE A 110 4.91 -1.36 5.51
C ILE A 110 4.35 -0.22 6.35
N GLY A 111 5.17 0.29 7.27
CA GLY A 111 4.76 1.35 8.20
C GLY A 111 5.23 1.01 9.63
N ASP A 112 4.94 1.86 10.62
CA ASP A 112 5.36 1.61 12.00
C ASP A 112 4.36 0.78 12.76
N THR A 113 4.52 -0.54 12.76
CA THR A 113 3.58 -1.41 13.43
C THR A 113 3.61 -1.44 14.97
N SER A 114 4.64 -0.83 15.58
CA SER A 114 4.78 -0.70 17.05
C SER A 114 3.56 -0.03 17.64
N ARG A 115 2.97 0.89 16.88
CA ARG A 115 1.83 1.63 17.39
C ARG A 115 0.54 0.84 17.42
N PHE A 116 0.56 -0.36 16.86
CA PHE A 116 -0.61 -1.22 16.85
C PHE A 116 -0.73 -2.08 18.11
N ASN A 117 -1.96 -2.45 18.46
CA ASN A 117 -2.23 -3.29 19.62
C ASN A 117 -1.75 -4.69 19.37
N SER A 118 -1.37 -5.40 20.41
CA SER A 118 -0.85 -6.76 20.30
C SER A 118 -1.58 -7.66 19.32
N ARG A 119 -2.91 -7.69 19.42
CA ARG A 119 -3.67 -8.54 18.55
C ARG A 119 -3.40 -8.29 17.10
N LEU A 120 -3.40 -7.02 16.71
CA LEU A 120 -3.13 -6.66 15.33
C LEU A 120 -1.68 -6.97 14.98
N GLN A 121 -0.74 -6.64 15.87
CA GLN A 121 0.65 -6.93 15.57
C GLN A 121 0.93 -8.42 15.37
N GLU A 122 0.21 -9.24 16.12
CA GLU A 122 0.36 -10.68 16.11
C GLU A 122 -0.19 -11.21 14.81
N ARG A 123 -1.34 -10.67 14.39
CA ARG A 123 -1.95 -11.08 13.10
C ARG A 123 -1.02 -10.76 11.91
N ILE A 124 -0.40 -9.58 11.93
CA ILE A 124 0.51 -9.17 10.88
C ILE A 124 1.75 -10.08 10.77
N ARG A 125 2.42 -10.26 11.89
CA ARG A 125 3.62 -11.10 11.98
C ARG A 125 3.30 -12.50 11.47
N LYS A 126 2.18 -13.07 11.93
CA LYS A 126 1.80 -14.42 11.50
C LYS A 126 1.38 -14.50 10.04
N SER A 127 0.66 -13.49 9.54
CA SER A 127 0.24 -13.49 8.14
C SER A 127 1.46 -13.33 7.22
N GLU A 128 2.42 -12.53 7.64
CA GLU A 128 3.62 -12.37 6.85
C GLU A 128 4.46 -13.66 6.87
N ALA A 129 4.48 -14.38 7.98
CA ALA A 129 5.33 -15.58 8.03
C ALA A 129 4.76 -16.74 7.26
N LEU A 130 3.45 -16.81 7.18
CA LEU A 130 2.82 -17.87 6.40
C LEU A 130 3.11 -17.66 4.89
N THR A 131 3.09 -16.40 4.45
CA THR A 131 3.25 -16.09 3.03
C THR A 131 4.63 -15.62 2.62
N ALA A 132 5.55 -15.57 3.57
CA ALA A 132 6.88 -15.07 3.30
C ALA A 132 7.56 -15.78 2.13
N GLY A 133 7.24 -17.05 1.91
CA GLY A 133 7.91 -17.75 0.82
C GLY A 133 7.11 -17.78 -0.45
N ASN A 134 5.95 -17.12 -0.47
CA ASN A 134 5.15 -17.11 -1.71
C ASN A 134 5.84 -16.29 -2.80
N THR A 135 5.60 -16.66 -4.05
CA THR A 135 6.29 -16.05 -5.19
C THR A 135 5.46 -15.37 -6.25
N GLY A 136 4.18 -15.20 -6.00
CA GLY A 136 3.33 -14.55 -6.98
C GLY A 136 3.33 -13.06 -6.70
N LEU A 137 2.15 -12.45 -6.65
CA LEU A 137 2.02 -11.04 -6.36
C LEU A 137 2.50 -10.68 -4.96
N THR A 138 3.22 -9.56 -4.83
CA THR A 138 3.59 -9.10 -3.51
C THR A 138 2.58 -8.01 -3.17
N LEU A 139 1.85 -8.19 -2.08
CA LEU A 139 0.82 -7.22 -1.68
C LEU A 139 1.35 -6.48 -0.46
N ASN A 140 1.58 -5.17 -0.63
CA ASN A 140 2.09 -4.33 0.45
C ASN A 140 0.97 -3.46 0.91
N ILE A 141 0.65 -3.58 2.20
CA ILE A 141 -0.39 -2.80 2.84
C ILE A 141 0.33 -1.70 3.65
N ALA A 142 0.18 -0.43 3.26
CA ALA A 142 0.81 0.69 3.96
C ALA A 142 -0.17 1.09 5.07
N ALA A 143 0.19 0.74 6.31
CA ALA A 143 -0.59 0.93 7.53
C ALA A 143 0.25 1.63 8.61
N ASN A 144 -0.17 2.82 8.99
CA ASN A 144 0.61 3.68 9.92
C ASN A 144 1.88 4.00 9.12
N TYR A 145 1.68 4.31 7.86
CA TYR A 145 2.82 4.63 6.99
C TYR A 145 2.85 6.11 6.55
N GLY A 146 4.06 6.61 6.33
CA GLY A 146 4.24 7.96 5.85
C GLY A 146 5.51 7.89 5.02
N GLY A 147 5.55 8.65 3.92
CA GLY A 147 6.72 8.65 3.06
C GLY A 147 7.96 9.25 3.73
N ARG A 148 7.75 10.34 4.47
CA ARG A 148 8.82 10.99 5.23
C ARG A 148 9.31 10.02 6.30
N TRP A 149 8.39 9.44 7.07
CA TRP A 149 8.76 8.46 8.07
C TRP A 149 9.64 7.37 7.46
N ASP A 150 9.26 6.90 6.26
CA ASP A 150 9.95 5.86 5.52
C ASP A 150 11.40 6.28 5.22
N ILE A 151 11.59 7.48 4.66
CA ILE A 151 12.95 7.98 4.41
C ILE A 151 13.75 8.06 5.73
N VAL A 152 13.14 8.56 6.78
CA VAL A 152 13.86 8.69 8.03
C VAL A 152 14.33 7.35 8.64
N GLN A 153 13.54 6.27 8.49
CA GLN A 153 13.96 5.00 9.03
C GLN A 153 15.22 4.54 8.33
N GLY A 154 15.29 4.73 7.02
CA GLY A 154 16.48 4.35 6.29
C GLY A 154 17.65 5.27 6.72
N VAL A 155 17.33 6.53 6.94
CA VAL A 155 18.36 7.48 7.34
C VAL A 155 18.93 7.08 8.71
N ARG A 156 18.09 6.54 9.58
CA ARG A 156 18.57 6.10 10.88
C ARG A 156 19.47 4.89 10.71
N GLN A 157 19.09 3.95 9.84
CA GLN A 157 19.93 2.79 9.66
C GLN A 157 21.30 3.19 9.20
N LEU A 158 21.36 4.34 8.53
CA LEU A 158 22.63 4.80 8.02
C LEU A 158 23.34 5.66 9.03
N ALA A 159 22.59 6.28 9.90
CA ALA A 159 23.19 7.11 10.91
C ALA A 159 23.95 6.14 11.81
N GLU A 160 23.24 5.12 12.30
CA GLU A 160 23.81 4.08 13.16
C GLU A 160 25.11 3.60 12.56
N LYS A 161 25.06 3.10 11.34
CA LYS A 161 26.26 2.65 10.68
C LYS A 161 27.38 3.68 10.81
N VAL A 162 27.08 4.95 10.66
CA VAL A 162 28.13 5.95 10.79
C VAL A 162 28.64 6.03 12.25
N GLN A 163 27.77 5.87 13.25
CA GLN A 163 28.22 5.94 14.64
C GLN A 163 29.08 4.73 15.01
N GLN A 164 28.97 3.69 14.19
CA GLN A 164 29.72 2.45 14.37
C GLN A 164 30.98 2.49 13.49
N GLY A 165 31.35 3.69 13.05
CA GLY A 165 32.52 3.84 12.22
C GLY A 165 32.50 2.90 11.04
N ASN A 166 31.31 2.41 10.67
CA ASN A 166 31.17 1.51 9.53
C ASN A 166 30.97 2.27 8.22
N LEU A 167 30.73 3.58 8.35
CA LEU A 167 30.46 4.39 7.18
C LEU A 167 30.86 5.85 7.38
N GLN A 168 31.30 6.46 6.30
CA GLN A 168 31.68 7.86 6.33
C GLN A 168 30.55 8.71 5.74
N PRO A 169 30.20 9.83 6.41
CA PRO A 169 29.14 10.70 5.90
C PRO A 169 29.21 11.03 4.39
N ASP A 170 30.41 11.11 3.83
CA ASP A 170 30.55 11.44 2.40
C ASP A 170 30.43 10.23 1.51
N GLN A 171 30.09 9.09 2.09
CA GLN A 171 29.92 7.89 1.30
C GLN A 171 28.44 7.76 0.94
N ILE A 172 27.57 8.31 1.80
CA ILE A 172 26.14 8.25 1.62
C ILE A 172 25.69 8.95 0.34
N ASP A 173 24.95 8.22 -0.50
CA ASP A 173 24.44 8.76 -1.74
C ASP A 173 23.04 8.19 -2.01
N GLU A 174 22.40 8.61 -3.09
CA GLU A 174 21.04 8.18 -3.43
C GLU A 174 20.81 6.69 -3.43
N GLU A 175 21.59 5.98 -4.23
CA GLU A 175 21.45 4.53 -4.31
C GLU A 175 21.64 3.86 -2.93
N MET A 176 22.53 4.37 -2.10
CA MET A 176 22.66 3.77 -0.78
C MET A 176 21.39 3.98 0.02
N LEU A 177 20.84 5.19 0.00
CA LEU A 177 19.64 5.43 0.78
C LEU A 177 18.49 4.62 0.15
N ASN A 178 18.56 4.47 -1.17
CA ASN A 178 17.58 3.74 -1.94
C ASN A 178 17.55 2.32 -1.45
N GLN A 179 18.70 1.81 -1.00
CA GLN A 179 18.78 0.41 -0.55
C GLN A 179 18.24 0.30 0.85
N HIS A 180 17.88 1.43 1.43
CA HIS A 180 17.30 1.45 2.76
C HIS A 180 15.88 2.02 2.90
N VAL A 181 15.14 2.23 1.82
CA VAL A 181 13.75 2.69 1.99
C VAL A 181 12.82 1.48 1.77
N CYS A 182 11.56 1.57 2.21
CA CYS A 182 10.62 0.44 1.99
C CYS A 182 10.47 -0.04 0.50
N MET A 183 10.33 -1.37 0.35
CA MET A 183 10.17 -2.03 -0.93
C MET A 183 11.33 -1.93 -1.90
N HIS A 184 12.52 -1.61 -1.44
CA HIS A 184 13.64 -1.50 -2.40
C HIS A 184 13.96 -2.86 -3.07
N GLU A 185 13.48 -3.98 -2.55
CA GLU A 185 13.83 -5.20 -3.22
C GLU A 185 12.83 -5.58 -4.30
N LEU A 186 11.78 -4.76 -4.43
CA LEU A 186 10.74 -5.00 -5.44
C LEU A 186 10.97 -4.07 -6.63
N ALA A 187 10.28 -4.33 -7.75
CA ALA A 187 10.34 -3.45 -8.91
C ALA A 187 9.83 -2.07 -8.44
N PRO A 188 10.38 -1.01 -9.03
CA PRO A 188 9.96 0.34 -8.64
C PRO A 188 8.46 0.59 -8.91
N VAL A 189 7.90 1.61 -8.28
CA VAL A 189 6.50 1.90 -8.53
C VAL A 189 6.30 2.54 -9.88
N ASP A 190 5.47 1.92 -10.70
CA ASP A 190 5.19 2.40 -12.04
C ASP A 190 4.03 3.38 -12.14
N LEU A 191 3.02 3.10 -11.37
CA LEU A 191 1.77 3.85 -11.44
C LEU A 191 1.18 4.02 -10.07
N VAL A 192 0.79 5.25 -9.74
CA VAL A 192 0.07 5.54 -8.52
C VAL A 192 -1.34 5.94 -8.98
N ILE A 193 -2.35 5.30 -8.43
CA ILE A 193 -3.72 5.64 -8.79
C ILE A 193 -4.29 6.25 -7.52
N ARG A 194 -4.92 7.41 -7.60
CA ARG A 194 -5.56 7.95 -6.39
C ARG A 194 -7.05 8.14 -6.71
N THR A 195 -7.88 7.41 -5.97
CA THR A 195 -9.32 7.50 -6.10
C THR A 195 -9.81 8.64 -5.24
N GLY A 196 -11.09 8.99 -5.34
CA GLY A 196 -11.63 10.06 -4.49
C GLY A 196 -11.58 11.49 -4.96
N GLY A 197 -10.87 11.76 -6.06
CA GLY A 197 -10.87 13.10 -6.58
C GLY A 197 -9.86 14.12 -6.07
N GLU A 198 -9.10 13.84 -5.02
CA GLU A 198 -8.16 14.87 -4.54
C GLU A 198 -6.90 14.78 -5.41
N HIS A 199 -6.26 15.89 -5.70
CA HIS A 199 -5.05 15.81 -6.52
C HIS A 199 -3.76 16.03 -5.75
N ARG A 200 -3.50 15.14 -4.81
CA ARG A 200 -2.30 15.21 -4.02
C ARG A 200 -1.84 13.81 -3.68
N ILE A 201 -0.59 13.70 -3.24
CA ILE A 201 -0.13 12.38 -2.95
C ILE A 201 -0.11 12.09 -1.48
N SER A 202 -0.40 13.10 -0.67
CA SER A 202 -0.51 12.97 0.80
C SER A 202 0.52 12.03 1.52
N ASN A 203 1.79 12.36 1.38
CA ASN A 203 2.89 11.62 2.03
C ASN A 203 2.99 10.11 1.68
N PHE A 204 2.67 9.77 0.43
CA PHE A 204 2.69 8.36 0.02
C PHE A 204 3.91 8.05 -0.84
N LEU A 205 4.80 7.22 -0.31
CA LEU A 205 5.95 6.80 -1.17
C LEU A 205 6.73 7.97 -1.84
N LEU A 206 6.98 9.07 -1.13
CA LEU A 206 7.68 10.19 -1.77
C LEU A 206 8.93 9.79 -2.54
N TRP A 207 9.84 9.09 -1.86
CA TRP A 207 11.10 8.67 -2.48
C TRP A 207 10.88 7.76 -3.69
N GLN A 208 10.01 6.77 -3.50
CA GLN A 208 9.73 5.77 -4.52
C GLN A 208 8.96 6.18 -5.75
N ILE A 209 8.28 7.31 -5.69
CA ILE A 209 7.47 7.71 -6.84
C ILE A 209 8.12 8.76 -7.72
N ALA A 210 9.44 8.91 -7.58
CA ALA A 210 10.18 9.89 -8.34
C ALA A 210 9.89 9.90 -9.85
N TYR A 211 9.78 8.71 -10.44
CA TYR A 211 9.49 8.65 -11.89
C TYR A 211 8.25 7.87 -12.21
N ALA A 212 7.37 7.74 -11.24
CA ALA A 212 6.12 7.02 -11.45
C ALA A 212 5.01 7.83 -12.14
N GLU A 213 4.20 7.13 -12.93
CA GLU A 213 3.02 7.76 -13.51
C GLU A 213 2.01 7.97 -12.38
N LEU A 214 1.24 9.05 -12.46
CA LEU A 214 0.26 9.39 -11.44
C LEU A 214 -1.14 9.52 -12.09
N TYR A 215 -2.11 8.78 -11.59
CA TYR A 215 -3.45 8.78 -12.17
C TYR A 215 -4.49 9.11 -11.16
N PHE A 216 -5.33 10.08 -11.46
CA PHE A 216 -6.36 10.53 -10.53
C PHE A 216 -7.78 10.31 -10.99
N THR A 217 -8.60 9.68 -10.16
CA THR A 217 -9.95 9.49 -10.58
C THR A 217 -10.89 9.97 -9.52
N ASP A 218 -12.03 10.49 -9.99
CA ASP A 218 -13.06 10.98 -9.12
C ASP A 218 -13.79 9.84 -8.54
N VAL A 219 -13.69 8.70 -9.18
CA VAL A 219 -14.41 7.51 -8.64
C VAL A 219 -14.03 7.32 -7.16
N LEU A 220 -15.01 7.00 -6.30
CA LEU A 220 -14.72 6.83 -4.86
C LEU A 220 -14.22 5.41 -4.63
N TRP A 221 -13.31 5.22 -3.66
CA TRP A 221 -12.70 3.89 -3.41
C TRP A 221 -13.64 2.69 -3.35
N PRO A 222 -14.77 2.82 -2.61
CA PRO A 222 -15.67 1.65 -2.56
C PRO A 222 -16.32 1.30 -3.91
N ASP A 223 -16.28 2.23 -4.86
CA ASP A 223 -16.87 1.98 -6.16
C ASP A 223 -15.79 1.57 -7.18
N PHE A 224 -14.50 1.70 -6.81
CA PHE A 224 -13.41 1.37 -7.77
C PHE A 224 -13.49 -0.10 -8.23
N ASP A 225 -13.61 -0.37 -9.52
CA ASP A 225 -13.72 -1.76 -9.93
C ASP A 225 -12.70 -2.15 -11.01
N GLU A 226 -12.87 -3.34 -11.58
CA GLU A 226 -11.93 -3.85 -12.57
C GLU A 226 -11.84 -2.99 -13.79
N GLN A 227 -12.96 -2.42 -14.12
CA GLN A 227 -13.02 -1.56 -15.26
C GLN A 227 -12.23 -0.27 -14.97
N ASP A 228 -12.39 0.29 -13.79
CA ASP A 228 -11.62 1.46 -13.40
C ASP A 228 -10.11 1.11 -13.36
N PHE A 229 -9.77 -0.07 -12.85
CA PHE A 229 -8.36 -0.47 -12.77
C PHE A 229 -7.79 -0.61 -14.22
N GLU A 230 -8.54 -1.26 -15.10
CA GLU A 230 -8.12 -1.42 -16.48
C GLU A 230 -7.96 -0.01 -17.11
N GLY A 231 -8.83 0.92 -16.75
CA GLY A 231 -8.76 2.25 -17.30
C GLY A 231 -7.45 2.91 -16.92
N ALA A 232 -7.03 2.73 -15.68
CA ALA A 232 -5.79 3.33 -15.22
C ALA A 232 -4.67 2.65 -15.97
N LEU A 233 -4.75 1.34 -16.09
CA LEU A 233 -3.71 0.61 -16.76
C LEU A 233 -3.58 1.07 -18.20
N ASN A 234 -4.70 1.32 -18.84
CA ASN A 234 -4.62 1.74 -20.21
C ASN A 234 -4.02 3.14 -20.31
N ALA A 235 -4.39 4.00 -19.37
CA ALA A 235 -3.85 5.35 -19.38
C ALA A 235 -2.33 5.25 -19.25
N PHE A 236 -1.87 4.29 -18.48
CA PHE A 236 -0.45 4.13 -18.30
C PHE A 236 0.22 3.60 -19.57
N ALA A 237 -0.46 2.70 -20.26
CA ALA A 237 0.13 2.13 -21.45
C ALA A 237 0.26 3.17 -22.55
N ASN A 238 -0.61 4.18 -22.49
CA ASN A 238 -0.65 5.28 -23.44
C ASN A 238 0.05 6.53 -22.91
N ARG A 239 0.99 6.36 -22.00
CA ARG A 239 1.73 7.46 -21.37
C ARG A 239 2.79 8.14 -22.27
N GLU A 240 2.79 7.82 -23.57
CA GLU A 240 3.74 8.35 -24.56
C GLU A 240 4.43 9.68 -24.18
P PO4 B . -5.85 13.54 2.77
O1 PO4 B . -7.03 13.86 1.92
O2 PO4 B . -5.95 14.24 4.07
O3 PO4 B . -4.63 13.98 2.07
O4 PO4 B . -5.80 12.06 3.03
MG MG C . -9.80 11.13 2.63
C1 IPE D . -9.96 6.54 2.94
O1 IPE D . -11.19 7.27 2.77
C2 IPE D . -9.44 6.39 4.37
C3 IPE D . -8.31 5.73 4.71
C4 IPE D . -7.42 5.06 3.65
C5 IPE D . -7.94 5.68 6.19
PA IPE D . -11.66 8.52 3.73
O1A IPE D . -12.07 7.92 5.08
O2A IPE D . -10.44 9.52 3.64
O3A IPE D . -12.98 9.29 3.46
PB IPE D . -13.09 10.61 2.63
O1B IPE D . -14.10 10.71 1.61
O2B IPE D . -11.74 11.12 2.12
O3B IPE D . -13.61 11.77 3.54
#